data_1FPO
#
_entry.id   1FPO
#
_cell.length_a   123.010
_cell.length_b   69.990
_cell.length_c   68.110
_cell.angle_alpha   90.00
_cell.angle_beta   98.08
_cell.angle_gamma   90.00
#
_symmetry.space_group_name_H-M   'C 1 2 1'
#
loop_
_entity.id
_entity.type
_entity.pdbx_description
1 polymer 'CHAPERONE PROTEIN HSCB'
2 water water
#
_entity_poly.entity_id   1
_entity_poly.type   'polypeptide(L)'
_entity_poly.pdbx_seq_one_letter_code
;MDYFTLFGLPARYQLDTQALSLRFQDLQRQYHPDKFASGSQAEQLAAVQQSATINQAWQTLRHPLMRAEYLLSLHGFDLA
SEQHTVRDTAFLMEQLELREELDEIEQAKDEARLESFIKRVKKMFDTRHQLMVEQLDNETWDAAADTCRKLRFLDKLRSS
AEQLEEKLLDF
;
_entity_poly.pdbx_strand_id   A,B,C
#
# COMPACT_ATOMS: atom_id res chain seq x y z
N MET A 1 20.02 -3.27 6.20
CA MET A 1 20.40 -4.59 6.76
C MET A 1 21.65 -4.42 7.61
N ASP A 2 22.18 -3.20 7.60
CA ASP A 2 23.39 -2.89 8.36
C ASP A 2 23.30 -3.15 9.85
N TYR A 3 22.12 -3.03 10.44
CA TYR A 3 21.99 -3.29 11.88
C TYR A 3 22.51 -4.68 12.19
N PHE A 4 22.16 -5.65 11.36
CA PHE A 4 22.63 -7.01 11.58
C PHE A 4 24.15 -7.07 11.36
N THR A 5 24.60 -6.52 10.24
CA THR A 5 26.03 -6.53 9.92
C THR A 5 26.86 -5.89 11.04
N LEU A 6 26.35 -4.78 11.58
CA LEU A 6 27.02 -4.06 12.65
C LEU A 6 27.37 -5.01 13.80
N PHE A 7 26.43 -5.89 14.16
CA PHE A 7 26.67 -6.82 15.24
C PHE A 7 27.21 -8.16 14.73
N GLY A 8 27.55 -8.20 13.45
CA GLY A 8 28.09 -9.42 12.87
C GLY A 8 27.12 -10.58 12.92
N LEU A 9 25.84 -10.28 12.78
CA LEU A 9 24.80 -11.28 12.82
C LEU A 9 24.14 -11.47 11.46
N PRO A 10 23.58 -12.66 11.21
CA PRO A 10 22.93 -12.91 9.93
C PRO A 10 21.55 -12.27 10.02
N ALA A 11 20.97 -11.91 8.89
CA ALA A 11 19.65 -11.31 8.89
C ALA A 11 18.61 -12.41 9.11
N ARG A 12 18.31 -12.68 10.37
CA ARG A 12 17.34 -13.72 10.77
C ARG A 12 16.65 -13.26 12.05
N TYR A 13 15.50 -13.85 12.36
CA TYR A 13 14.82 -13.47 13.59
C TYR A 13 15.51 -14.03 14.83
N GLN A 14 16.00 -15.25 14.74
CA GLN A 14 16.66 -15.89 15.88
C GLN A 14 18.02 -15.28 16.16
N LEU A 15 18.27 -14.92 17.41
CA LEU A 15 19.56 -14.35 17.78
C LEU A 15 19.80 -14.45 19.28
N ASP A 16 21.07 -14.34 19.67
CA ASP A 16 21.46 -14.43 21.07
C ASP A 16 21.50 -13.02 21.68
N THR A 17 20.45 -12.63 22.39
CA THR A 17 20.38 -11.32 23.00
C THR A 17 21.50 -11.12 24.01
N GLN A 18 22.03 -12.23 24.52
CA GLN A 18 23.11 -12.19 25.50
C GLN A 18 24.39 -11.77 24.80
N ALA A 19 24.68 -12.42 23.67
CA ALA A 19 25.87 -12.10 22.90
C ALA A 19 25.70 -10.72 22.28
N LEU A 20 24.44 -10.34 22.05
CA LEU A 20 24.12 -9.04 21.47
C LEU A 20 24.49 -7.92 22.44
N SER A 21 24.29 -8.18 23.73
CA SER A 21 24.60 -7.19 24.77
C SER A 21 26.09 -6.95 24.90
N LEU A 22 26.88 -8.01 24.89
CA LEU A 22 28.33 -7.89 25.00
C LEU A 22 28.92 -7.15 23.82
N ARG A 23 28.35 -7.33 22.63
CA ARG A 23 28.84 -6.66 21.44
C ARG A 23 28.38 -5.20 21.44
N PHE A 24 27.16 -4.98 21.91
CA PHE A 24 26.61 -3.62 21.99
C PHE A 24 27.48 -2.79 22.92
N GLN A 25 27.84 -3.38 24.06
CA GLN A 25 28.67 -2.69 25.02
C GLN A 25 30.09 -2.47 24.48
N ASP A 26 30.60 -3.45 23.73
CA ASP A 26 31.93 -3.32 23.15
C ASP A 26 31.92 -2.10 22.23
N LEU A 27 30.92 -2.04 21.36
CA LEU A 27 30.78 -0.92 20.42
C LEU A 27 30.58 0.39 21.16
N GLN A 28 29.73 0.37 22.17
CA GLN A 28 29.43 1.55 22.96
C GLN A 28 30.69 2.17 23.59
N ARG A 29 31.61 1.32 24.02
CA ARG A 29 32.85 1.80 24.62
C ARG A 29 33.65 2.65 23.64
N GLN A 30 33.59 2.28 22.37
CA GLN A 30 34.31 3.00 21.32
C GLN A 30 33.88 4.45 21.22
N TYR A 31 32.64 4.73 21.61
CA TYR A 31 32.10 6.09 21.50
C TYR A 31 31.87 6.77 22.84
N HIS A 32 32.47 6.21 23.90
CA HIS A 32 32.33 6.79 25.23
C HIS A 32 32.86 8.22 25.15
N PRO A 33 32.10 9.19 25.70
CA PRO A 33 32.49 10.61 25.70
C PRO A 33 33.90 10.95 26.19
N ASP A 34 34.39 10.21 27.18
CA ASP A 34 35.73 10.46 27.71
C ASP A 34 36.81 10.33 26.63
N LYS A 35 36.57 9.46 25.66
CA LYS A 35 37.51 9.24 24.58
C LYS A 35 37.68 10.46 23.67
N PHE A 36 36.72 11.37 23.72
CA PHE A 36 36.76 12.56 22.89
C PHE A 36 36.64 13.86 23.68
N ALA A 37 36.85 13.78 24.99
CA ALA A 37 36.76 14.95 25.84
C ALA A 37 37.69 16.07 25.40
N SER A 38 38.86 15.70 24.89
CA SER A 38 39.85 16.66 24.44
C SER A 38 39.74 17.02 22.96
N GLY A 39 38.73 16.47 22.29
CA GLY A 39 38.55 16.75 20.88
C GLY A 39 37.66 17.95 20.57
N SER A 40 37.55 18.29 19.29
CA SER A 40 36.74 19.43 18.86
C SER A 40 35.27 19.14 19.13
N GLN A 41 34.42 20.12 18.83
CA GLN A 41 32.99 19.94 19.04
C GLN A 41 32.42 19.01 17.98
N ALA A 42 32.95 19.12 16.75
CA ALA A 42 32.48 18.27 15.66
C ALA A 42 32.80 16.82 15.98
N GLU A 43 33.95 16.59 16.60
CA GLU A 43 34.35 15.24 16.98
C GLU A 43 33.44 14.68 18.06
N GLN A 44 33.22 15.48 19.10
CA GLN A 44 32.38 15.07 20.21
C GLN A 44 30.95 14.82 19.73
N LEU A 45 30.50 15.60 18.75
CA LEU A 45 29.17 15.46 18.20
C LEU A 45 29.07 14.15 17.43
N ALA A 46 30.01 13.94 16.50
CA ALA A 46 30.05 12.74 15.69
C ALA A 46 30.01 11.49 16.57
N ALA A 47 30.72 11.54 17.68
CA ALA A 47 30.75 10.42 18.61
C ALA A 47 29.37 10.20 19.19
N VAL A 48 28.68 11.31 19.47
CA VAL A 48 27.33 11.25 20.02
C VAL A 48 26.42 10.58 18.98
N GLN A 49 26.52 11.03 17.73
CA GLN A 49 25.71 10.49 16.65
C GLN A 49 25.99 9.01 16.42
N GLN A 50 27.27 8.62 16.44
CA GLN A 50 27.61 7.22 16.24
C GLN A 50 27.08 6.41 17.41
N SER A 51 27.12 7.01 18.59
CA SER A 51 26.62 6.35 19.79
C SER A 51 25.11 6.14 19.61
N ALA A 52 24.45 7.16 19.08
CA ALA A 52 23.01 7.11 18.83
C ALA A 52 22.67 5.99 17.85
N THR A 53 23.46 5.86 16.80
CA THR A 53 23.24 4.83 15.79
C THR A 53 23.34 3.45 16.44
N ILE A 54 24.40 3.23 17.21
CA ILE A 54 24.61 1.96 17.88
C ILE A 54 23.42 1.63 18.78
N ASN A 55 22.90 2.64 19.46
CA ASN A 55 21.76 2.43 20.35
C ASN A 55 20.47 2.14 19.59
N GLN A 56 20.30 2.78 18.43
CA GLN A 56 19.12 2.57 17.61
C GLN A 56 19.11 1.14 17.08
N ALA A 57 20.29 0.67 16.66
CA ALA A 57 20.45 -0.67 16.14
C ALA A 57 20.20 -1.71 17.25
N TRP A 58 20.77 -1.45 18.42
CA TRP A 58 20.62 -2.34 19.56
C TRP A 58 19.16 -2.44 20.02
N GLN A 59 18.50 -1.29 20.15
CA GLN A 59 17.10 -1.27 20.58
C GLN A 59 16.21 -2.02 19.58
N THR A 60 16.45 -1.79 18.31
CA THR A 60 15.67 -2.43 17.25
C THR A 60 15.84 -3.94 17.25
N LEU A 61 17.08 -4.41 17.38
CA LEU A 61 17.35 -5.84 17.38
C LEU A 61 17.01 -6.57 18.68
N ARG A 62 17.11 -5.88 19.82
CA ARG A 62 16.82 -6.52 21.10
C ARG A 62 15.32 -6.77 21.31
N HIS A 63 14.50 -5.83 20.86
CA HIS A 63 13.05 -5.94 21.01
C HIS A 63 12.50 -6.94 20.00
N PRO A 64 11.87 -8.03 20.48
CA PRO A 64 11.29 -9.06 19.61
C PRO A 64 10.45 -8.54 18.45
N LEU A 65 9.49 -7.68 18.73
CA LEU A 65 8.63 -7.13 17.68
C LEU A 65 9.37 -6.16 16.76
N MET A 66 10.21 -5.30 17.35
CA MET A 66 10.97 -4.37 16.52
C MET A 66 11.91 -5.12 15.60
N ARG A 67 12.53 -6.18 16.12
CA ARG A 67 13.46 -6.99 15.32
C ARG A 67 12.76 -7.58 14.10
N ALA A 68 11.52 -8.03 14.30
CA ALA A 68 10.75 -8.62 13.20
C ALA A 68 10.36 -7.53 12.20
N GLU A 69 9.91 -6.40 12.72
CA GLU A 69 9.51 -5.30 11.87
C GLU A 69 10.69 -4.82 11.03
N TYR A 70 11.88 -4.81 11.62
CA TYR A 70 13.08 -4.39 10.90
C TYR A 70 13.40 -5.38 9.78
N LEU A 71 13.43 -6.67 10.12
CA LEU A 71 13.71 -7.72 9.16
C LEU A 71 12.77 -7.60 7.95
N LEU A 72 11.50 -7.34 8.22
CA LEU A 72 10.50 -7.19 7.15
C LEU A 72 10.74 -5.92 6.31
N SER A 73 11.33 -4.88 6.91
CA SER A 73 11.59 -3.66 6.14
C SER A 73 12.65 -3.94 5.08
N LEU A 74 13.41 -5.00 5.26
CA LEU A 74 14.45 -5.37 4.30
C LEU A 74 13.81 -6.10 3.13
N HIS A 75 12.52 -6.41 3.25
CA HIS A 75 11.81 -7.13 2.21
C HIS A 75 10.59 -6.39 1.64
N GLY A 76 10.63 -5.06 1.69
CA GLY A 76 9.53 -4.28 1.15
C GLY A 76 8.35 -3.96 2.04
N PHE A 77 8.50 -4.12 3.35
CA PHE A 77 7.42 -3.83 4.27
C PHE A 77 7.73 -2.67 5.20
N ASP A 78 6.74 -1.82 5.43
CA ASP A 78 6.90 -0.69 6.33
C ASP A 78 5.76 -0.79 7.34
N LEU A 79 5.99 -1.59 8.39
CA LEU A 79 4.98 -1.79 9.41
C LEU A 79 4.70 -0.51 10.19
N ALA A 80 5.48 0.53 9.90
CA ALA A 80 5.30 1.82 10.56
C ALA A 80 4.13 2.58 9.93
N SER A 81 3.88 2.32 8.65
CA SER A 81 2.81 2.98 7.92
C SER A 81 1.44 2.68 8.51
N GLU A 82 0.43 3.46 8.11
CA GLU A 82 -0.93 3.28 8.59
C GLU A 82 -1.89 2.83 7.49
N GLN A 83 -1.60 3.23 6.26
CA GLN A 83 -2.44 2.88 5.13
C GLN A 83 -2.45 1.37 4.90
N HIS A 84 -1.48 0.69 5.49
CA HIS A 84 -1.35 -0.76 5.38
C HIS A 84 -1.92 -1.39 6.64
N THR A 85 -3.15 -1.88 6.53
CA THR A 85 -3.85 -2.49 7.65
C THR A 85 -3.90 -4.01 7.65
N VAL A 86 -4.43 -4.57 8.73
CA VAL A 86 -4.55 -6.02 8.90
C VAL A 86 -5.44 -6.66 7.84
N ARG A 87 -4.94 -7.72 7.22
CA ARG A 87 -5.67 -8.42 6.18
C ARG A 87 -6.58 -9.52 6.73
N ASP A 88 -6.28 -9.96 7.95
CA ASP A 88 -7.08 -11.01 8.61
C ASP A 88 -8.30 -10.34 9.23
N THR A 89 -9.41 -10.29 8.48
CA THR A 89 -10.63 -9.66 8.96
C THR A 89 -11.23 -10.35 10.18
N ALA A 90 -11.07 -11.68 10.25
CA ALA A 90 -11.60 -12.42 11.40
C ALA A 90 -10.90 -11.96 12.67
N PHE A 91 -9.61 -11.64 12.55
CA PHE A 91 -8.84 -11.17 13.69
C PHE A 91 -9.42 -9.85 14.23
N LEU A 92 -9.79 -8.95 13.33
CA LEU A 92 -10.35 -7.67 13.77
C LEU A 92 -11.64 -7.88 14.58
N MET A 93 -12.51 -8.77 14.10
CA MET A 93 -13.76 -9.04 14.79
C MET A 93 -13.47 -9.71 16.14
N GLU A 94 -12.49 -10.62 16.15
CA GLU A 94 -12.10 -11.31 17.38
C GLU A 94 -11.65 -10.28 18.42
N GLN A 95 -10.83 -9.31 18.02
CA GLN A 95 -10.38 -8.31 18.96
C GLN A 95 -11.50 -7.50 19.56
N LEU A 96 -12.53 -7.20 18.75
CA LEU A 96 -13.67 -6.45 19.24
C LEU A 96 -14.49 -7.29 20.21
N GLU A 97 -14.65 -8.58 19.91
CA GLU A 97 -15.37 -9.47 20.83
C GLU A 97 -14.67 -9.55 22.18
N LEU A 98 -13.35 -9.72 22.14
CA LEU A 98 -12.57 -9.82 23.36
C LEU A 98 -12.64 -8.50 24.15
N ARG A 99 -12.64 -7.37 23.45
CA ARG A 99 -12.73 -6.09 24.15
C ARG A 99 -14.11 -5.90 24.76
N GLU A 100 -15.14 -6.34 24.06
CA GLU A 100 -16.48 -6.21 24.61
C GLU A 100 -16.57 -7.08 25.87
N GLU A 101 -15.90 -8.23 25.85
CA GLU A 101 -15.89 -9.11 27.01
C GLU A 101 -15.16 -8.45 28.19
N LEU A 102 -14.04 -7.80 27.90
CA LEU A 102 -13.29 -7.12 28.94
C LEU A 102 -14.16 -6.03 29.58
N ASP A 103 -14.97 -5.33 28.78
CA ASP A 103 -15.84 -4.30 29.35
C ASP A 103 -16.85 -4.95 30.29
N GLU A 104 -17.34 -6.13 29.91
CA GLU A 104 -18.32 -6.84 30.74
C GLU A 104 -17.67 -7.26 32.06
N ILE A 105 -16.44 -7.76 31.97
CA ILE A 105 -15.70 -8.20 33.15
C ILE A 105 -15.54 -7.01 34.10
N GLU A 106 -15.27 -5.85 33.53
CA GLU A 106 -15.10 -4.64 34.33
C GLU A 106 -16.40 -4.26 35.02
N GLN A 107 -17.51 -4.28 34.28
CA GLN A 107 -18.80 -3.92 34.85
C GLN A 107 -19.17 -4.87 35.99
N ALA A 108 -18.79 -6.14 35.85
CA ALA A 108 -19.09 -7.14 36.87
C ALA A 108 -18.08 -7.12 38.01
N LYS A 109 -17.00 -6.36 37.84
CA LYS A 109 -15.95 -6.26 38.85
C LYS A 109 -15.48 -7.65 39.28
N ASP A 110 -15.29 -8.53 38.30
CA ASP A 110 -14.87 -9.91 38.57
C ASP A 110 -13.36 -10.13 38.42
N GLU A 111 -12.65 -10.13 39.55
CA GLU A 111 -11.19 -10.31 39.57
C GLU A 111 -10.73 -11.63 38.95
N ALA A 112 -11.44 -12.71 39.27
CA ALA A 112 -11.09 -14.03 38.76
C ALA A 112 -11.22 -14.09 37.24
N ARG A 113 -12.28 -13.49 36.71
CA ARG A 113 -12.48 -13.47 35.27
C ARG A 113 -11.41 -12.62 34.60
N LEU A 114 -11.03 -11.52 35.25
CA LEU A 114 -10.00 -10.65 34.68
C LEU A 114 -8.65 -11.37 34.66
N GLU A 115 -8.33 -12.07 35.74
CA GLU A 115 -7.06 -12.81 35.80
C GLU A 115 -7.02 -13.81 34.65
N SER A 116 -8.14 -14.49 34.44
CA SER A 116 -8.25 -15.48 33.38
C SER A 116 -8.11 -14.80 32.00
N PHE A 117 -8.84 -13.70 31.82
CA PHE A 117 -8.78 -12.96 30.56
C PHE A 117 -7.33 -12.58 30.24
N ILE A 118 -6.63 -12.02 31.22
CA ILE A 118 -5.24 -11.61 31.02
C ILE A 118 -4.34 -12.75 30.58
N LYS A 119 -4.46 -13.89 31.25
CA LYS A 119 -3.64 -15.04 30.90
C LYS A 119 -3.98 -15.59 29.52
N ARG A 120 -5.26 -15.57 29.16
CA ARG A 120 -5.68 -16.08 27.86
C ARG A 120 -5.15 -15.19 26.72
N VAL A 121 -5.14 -13.88 26.95
CA VAL A 121 -4.64 -12.95 25.93
C VAL A 121 -3.13 -13.15 25.82
N LYS A 122 -2.45 -13.27 26.95
CA LYS A 122 -0.99 -13.46 26.92
C LYS A 122 -0.65 -14.77 26.21
N LYS A 123 -1.47 -15.79 26.39
CA LYS A 123 -1.21 -17.07 25.74
C LYS A 123 -1.36 -16.94 24.23
N MET A 124 -2.38 -16.22 23.78
CA MET A 124 -2.59 -16.01 22.35
C MET A 124 -1.46 -15.19 21.77
N PHE A 125 -0.97 -14.21 22.54
CA PHE A 125 0.14 -13.40 22.06
C PHE A 125 1.34 -14.31 21.81
N ASP A 126 1.63 -15.18 22.78
CA ASP A 126 2.75 -16.09 22.64
C ASP A 126 2.58 -17.03 21.46
N THR A 127 1.37 -17.53 21.27
CA THR A 127 1.11 -18.45 20.17
C THR A 127 1.24 -17.76 18.81
N ARG A 128 0.69 -16.55 18.69
CA ARG A 128 0.80 -15.82 17.43
C ARG A 128 2.25 -15.39 17.20
N HIS A 129 2.98 -15.13 18.28
CA HIS A 129 4.39 -14.75 18.17
C HIS A 129 5.13 -15.94 17.55
N GLN A 130 4.82 -17.13 18.04
CA GLN A 130 5.45 -18.33 17.52
C GLN A 130 5.11 -18.46 16.02
N LEU A 131 3.85 -18.18 15.67
CA LEU A 131 3.42 -18.26 14.28
C LEU A 131 4.23 -17.28 13.41
N MET A 132 4.44 -16.07 13.92
CA MET A 132 5.21 -15.07 13.16
C MET A 132 6.62 -15.57 12.93
N VAL A 133 7.25 -16.14 13.96
CA VAL A 133 8.61 -16.65 13.85
C VAL A 133 8.67 -17.74 12.78
N GLU A 134 7.66 -18.60 12.76
CA GLU A 134 7.60 -19.65 11.76
C GLU A 134 7.48 -19.04 10.36
N GLN A 135 6.65 -18.01 10.23
CA GLN A 135 6.43 -17.38 8.94
C GLN A 135 7.68 -16.68 8.42
N LEU A 136 8.42 -16.06 9.34
CA LEU A 136 9.66 -15.39 8.96
C LEU A 136 10.66 -16.47 8.49
N ASP A 137 10.71 -17.59 9.22
CA ASP A 137 11.60 -18.68 8.85
C ASP A 137 11.24 -19.27 7.49
N ASN A 138 9.94 -19.30 7.20
CA ASN A 138 9.43 -19.83 5.93
C ASN A 138 9.60 -18.78 4.82
N GLU A 139 10.02 -17.58 5.21
CA GLU A 139 10.20 -16.51 4.24
C GLU A 139 8.91 -16.09 3.53
N THR A 140 7.78 -16.24 4.21
CA THR A 140 6.51 -15.83 3.64
C THR A 140 6.30 -14.49 4.31
N TRP A 141 7.00 -13.48 3.78
CA TRP A 141 6.95 -12.13 4.34
C TRP A 141 5.60 -11.47 4.55
N ASP A 142 4.70 -11.57 3.57
CA ASP A 142 3.38 -10.96 3.69
C ASP A 142 2.63 -11.49 4.91
N ALA A 143 2.66 -12.81 5.08
CA ALA A 143 1.98 -13.43 6.21
C ALA A 143 2.61 -12.98 7.52
N ALA A 144 3.94 -12.99 7.57
CA ALA A 144 4.67 -12.61 8.77
C ALA A 144 4.35 -11.17 9.19
N ALA A 145 4.25 -10.28 8.21
CA ALA A 145 3.94 -8.88 8.48
C ALA A 145 2.53 -8.70 9.04
N ASP A 146 1.58 -9.49 8.54
CA ASP A 146 0.23 -9.36 9.05
C ASP A 146 0.16 -9.87 10.49
N THR A 147 0.89 -10.93 10.80
CA THR A 147 0.90 -11.47 12.17
C THR A 147 1.60 -10.47 13.07
N CYS A 148 2.63 -9.80 12.56
CA CYS A 148 3.33 -8.81 13.37
C CYS A 148 2.36 -7.69 13.76
N ARG A 149 1.51 -7.30 12.82
CA ARG A 149 0.55 -6.24 13.08
C ARG A 149 -0.46 -6.73 14.11
N LYS A 150 -0.81 -8.01 14.04
CA LYS A 150 -1.77 -8.56 15.01
C LYS A 150 -1.18 -8.54 16.42
N LEU A 151 0.11 -8.85 16.53
CA LEU A 151 0.78 -8.86 17.82
C LEU A 151 0.76 -7.46 18.45
N ARG A 152 0.82 -6.43 17.61
CA ARG A 152 0.80 -5.06 18.15
C ARG A 152 -0.58 -4.80 18.75
N PHE A 153 -1.62 -5.28 18.09
CA PHE A 153 -2.99 -5.11 18.60
C PHE A 153 -3.15 -5.89 19.92
N LEU A 154 -2.69 -7.14 19.94
CA LEU A 154 -2.80 -7.96 21.14
C LEU A 154 -2.04 -7.37 22.32
N ASP A 155 -0.85 -6.85 22.05
CA ASP A 155 -0.04 -6.25 23.11
C ASP A 155 -0.81 -5.10 23.77
N LYS A 156 -1.48 -4.27 22.97
CA LYS A 156 -2.25 -3.17 23.53
C LYS A 156 -3.43 -3.68 24.33
N LEU A 157 -4.10 -4.71 23.83
CA LEU A 157 -5.22 -5.29 24.55
C LEU A 157 -4.71 -5.82 25.89
N ARG A 158 -3.57 -6.51 25.87
CA ARG A 158 -2.98 -7.06 27.09
C ARG A 158 -2.67 -5.96 28.10
N SER A 159 -2.04 -4.89 27.65
CA SER A 159 -1.69 -3.78 28.54
C SER A 159 -2.93 -3.07 29.08
N SER A 160 -3.99 -2.95 28.27
CA SER A 160 -5.20 -2.28 28.76
C SER A 160 -5.84 -3.12 29.87
N ALA A 161 -5.80 -4.44 29.71
CA ALA A 161 -6.39 -5.34 30.71
C ALA A 161 -5.59 -5.32 32.01
N GLU A 162 -4.26 -5.23 31.91
CA GLU A 162 -3.41 -5.20 33.10
C GLU A 162 -3.58 -3.88 33.84
N GLN A 163 -3.90 -2.82 33.11
CA GLN A 163 -4.12 -1.52 33.71
C GLN A 163 -5.41 -1.55 34.52
N LEU A 164 -6.43 -2.23 33.97
CA LEU A 164 -7.72 -2.35 34.63
C LEU A 164 -7.56 -3.11 35.94
N GLU A 165 -6.74 -4.16 35.92
CA GLU A 165 -6.51 -4.99 37.09
C GLU A 165 -6.02 -4.20 38.30
N GLU A 166 -5.15 -3.22 38.04
CA GLU A 166 -4.59 -2.41 39.11
C GLU A 166 -5.64 -1.50 39.76
N LYS A 167 -6.87 -1.58 39.28
CA LYS A 167 -7.95 -0.73 39.81
C LYS A 167 -9.08 -1.59 40.38
N LEU A 168 -9.64 -2.46 39.55
CA LEU A 168 -10.86 -3.15 39.44
C LEU A 168 -11.97 -3.00 40.47
N LEU A 169 -11.68 -3.38 41.72
CA LEU A 169 -12.68 -3.31 42.78
C LEU A 169 -13.13 -1.92 43.18
N ASP A 170 -12.40 -0.89 42.73
CA ASP A 170 -12.73 0.50 43.05
C ASP A 170 -12.82 0.74 44.55
N PHE A 171 -11.69 1.07 45.16
CA PHE A 171 -11.61 1.35 46.59
C PHE A 171 -12.02 0.15 47.44
N MET B 1 5.42 24.78 0.59
CA MET B 1 4.68 24.48 1.84
C MET B 1 3.28 23.93 1.52
N ASP B 2 2.62 23.40 2.55
CA ASP B 2 1.28 22.87 2.33
C ASP B 2 0.32 24.03 2.03
N TYR B 3 -0.74 23.70 1.30
CA TYR B 3 -1.76 24.65 0.90
C TYR B 3 -2.49 25.41 2.01
N PHE B 4 -2.68 24.79 3.18
CA PHE B 4 -3.38 25.49 4.25
C PHE B 4 -2.54 26.68 4.73
N THR B 5 -1.29 26.40 5.08
CA THR B 5 -0.39 27.43 5.57
C THR B 5 -0.24 28.54 4.52
N LEU B 6 -0.16 28.14 3.26
CA LEU B 6 0.00 29.09 2.16
C LEU B 6 -1.08 30.18 2.20
N PHE B 7 -2.28 29.79 2.60
CA PHE B 7 -3.41 30.73 2.69
C PHE B 7 -3.68 31.22 4.12
N GLY B 8 -2.78 30.92 5.06
CA GLY B 8 -2.98 31.37 6.42
C GLY B 8 -4.18 30.70 7.09
N LEU B 9 -4.44 29.46 6.68
CA LEU B 9 -5.56 28.69 7.23
C LEU B 9 -5.05 27.53 8.07
N PRO B 10 -5.90 27.01 8.98
CA PRO B 10 -5.48 25.89 9.81
C PRO B 10 -5.63 24.59 9.02
N ALA B 11 -4.75 23.63 9.26
CA ALA B 11 -4.81 22.34 8.57
C ALA B 11 -5.90 21.50 9.24
N ARG B 12 -7.08 21.56 8.67
CA ARG B 12 -8.25 20.85 9.21
C ARG B 12 -9.26 20.73 8.10
N TYR B 13 -10.32 19.97 8.32
CA TYR B 13 -11.32 19.84 7.28
C TYR B 13 -12.31 21.00 7.18
N GLN B 14 -12.79 21.50 8.31
CA GLN B 14 -13.74 22.62 8.27
C GLN B 14 -12.96 23.77 7.66
N LEU B 15 -13.57 24.48 6.71
CA LEU B 15 -12.87 25.55 6.04
C LEU B 15 -13.70 26.82 5.93
N ASP B 16 -13.05 27.95 6.20
CA ASP B 16 -13.71 29.24 6.08
C ASP B 16 -13.57 29.59 4.60
N THR B 17 -14.59 29.26 3.82
CA THR B 17 -14.58 29.51 2.38
C THR B 17 -14.46 30.99 2.05
N GLN B 18 -15.04 31.83 2.90
CA GLN B 18 -15.00 33.27 2.68
C GLN B 18 -13.56 33.76 2.78
N ALA B 19 -12.87 33.30 3.81
CA ALA B 19 -11.47 33.68 4.02
C ALA B 19 -10.61 33.16 2.88
N LEU B 20 -10.85 31.92 2.46
CA LEU B 20 -10.08 31.34 1.36
C LEU B 20 -10.27 32.15 0.10
N SER B 21 -11.52 32.49 -0.18
CA SER B 21 -11.88 33.27 -1.37
C SER B 21 -11.23 34.65 -1.40
N LEU B 22 -11.28 35.35 -0.28
CA LEU B 22 -10.71 36.69 -0.17
C LEU B 22 -9.19 36.67 -0.32
N ARG B 23 -8.54 35.72 0.33
CA ARG B 23 -7.09 35.60 0.26
C ARG B 23 -6.66 35.20 -1.15
N PHE B 24 -7.43 34.32 -1.78
CA PHE B 24 -7.12 33.86 -3.12
C PHE B 24 -7.20 35.02 -4.12
N GLN B 25 -8.28 35.78 -4.03
CA GLN B 25 -8.48 36.90 -4.94
C GLN B 25 -7.37 37.94 -4.77
N ASP B 26 -6.93 38.13 -3.52
CA ASP B 26 -5.87 39.08 -3.23
C ASP B 26 -4.56 38.63 -3.86
N LEU B 27 -4.21 37.36 -3.68
CA LEU B 27 -2.99 36.80 -4.25
C LEU B 27 -3.05 36.75 -5.77
N GLN B 28 -4.24 36.48 -6.29
CA GLN B 28 -4.44 36.41 -7.74
C GLN B 28 -4.11 37.75 -8.39
N ARG B 29 -4.44 38.84 -7.70
CA ARG B 29 -4.18 40.17 -8.22
C ARG B 29 -2.69 40.49 -8.23
N GLN B 30 -1.96 39.96 -7.25
CA GLN B 30 -0.52 40.20 -7.14
C GLN B 30 0.30 39.48 -8.19
N TYR B 31 -0.20 38.36 -8.70
CA TYR B 31 0.54 37.60 -9.69
C TYR B 31 -0.09 37.56 -11.07
N HIS B 32 -1.09 38.39 -11.30
CA HIS B 32 -1.75 38.44 -12.59
C HIS B 32 -0.73 38.85 -13.66
N PRO B 33 -0.78 38.22 -14.84
CA PRO B 33 0.14 38.51 -15.95
C PRO B 33 0.27 40.00 -16.28
N ASP B 34 -0.85 40.71 -16.31
CA ASP B 34 -0.85 42.13 -16.63
C ASP B 34 0.10 42.90 -15.72
N LYS B 35 0.27 42.42 -14.49
CA LYS B 35 1.14 43.08 -13.53
C LYS B 35 2.61 43.01 -13.94
N PHE B 36 2.95 42.05 -14.79
CA PHE B 36 4.34 41.90 -15.22
C PHE B 36 4.52 41.93 -16.73
N ALA B 37 3.51 42.47 -17.42
CA ALA B 37 3.54 42.55 -18.87
C ALA B 37 4.74 43.35 -19.39
N SER B 38 5.28 44.23 -18.53
CA SER B 38 6.42 45.06 -18.90
C SER B 38 7.72 44.56 -18.27
N GLY B 39 7.61 43.58 -17.39
CA GLY B 39 8.78 43.05 -16.71
C GLY B 39 9.64 42.13 -17.56
N SER B 40 10.68 41.56 -16.95
CA SER B 40 11.58 40.66 -17.65
C SER B 40 10.91 39.31 -17.90
N GLN B 41 11.50 38.51 -18.77
CA GLN B 41 10.96 37.20 -19.06
C GLN B 41 10.92 36.36 -17.80
N ALA B 42 11.99 36.43 -17.01
CA ALA B 42 12.10 35.69 -15.76
C ALA B 42 11.02 36.08 -14.76
N GLU B 43 10.73 37.37 -14.69
CA GLU B 43 9.69 37.87 -13.79
C GLU B 43 8.33 37.35 -14.23
N GLN B 44 8.09 37.39 -15.53
CA GLN B 44 6.82 36.91 -16.08
C GLN B 44 6.64 35.43 -15.78
N LEU B 45 7.71 34.66 -15.93
CA LEU B 45 7.67 33.22 -15.66
C LEU B 45 7.37 32.96 -14.19
N ALA B 46 8.04 33.69 -13.30
CA ALA B 46 7.83 33.53 -11.88
C ALA B 46 6.38 33.81 -11.48
N ALA B 47 5.79 34.84 -12.08
CA ALA B 47 4.40 35.20 -11.77
C ALA B 47 3.46 34.09 -12.25
N VAL B 48 3.78 33.50 -13.39
CA VAL B 48 2.96 32.41 -13.92
C VAL B 48 3.02 31.21 -12.97
N GLN B 49 4.21 30.92 -12.46
CA GLN B 49 4.40 29.80 -11.53
C GLN B 49 3.67 30.07 -10.22
N GLN B 50 3.75 31.30 -9.72
CA GLN B 50 3.06 31.60 -8.47
C GLN B 50 1.55 31.56 -8.69
N SER B 51 1.11 31.98 -9.86
CA SER B 51 -0.31 31.94 -10.19
C SER B 51 -0.80 30.49 -10.25
N ALA B 52 0.01 29.63 -10.86
CA ALA B 52 -0.35 28.22 -10.98
C ALA B 52 -0.42 27.57 -9.60
N THR B 53 0.49 27.96 -8.72
CA THR B 53 0.53 27.42 -7.36
C THR B 53 -0.71 27.78 -6.55
N ILE B 54 -1.08 29.05 -6.54
CA ILE B 54 -2.26 29.47 -5.79
C ILE B 54 -3.54 28.92 -6.41
N ASN B 55 -3.54 28.73 -7.73
CA ASN B 55 -4.72 28.19 -8.40
C ASN B 55 -4.93 26.72 -8.01
N GLN B 56 -3.84 25.97 -7.96
CA GLN B 56 -3.93 24.56 -7.58
C GLN B 56 -4.31 24.44 -6.11
N ALA B 57 -3.71 25.30 -5.28
CA ALA B 57 -4.00 25.28 -3.85
C ALA B 57 -5.47 25.60 -3.62
N TRP B 58 -5.98 26.59 -4.35
CA TRP B 58 -7.37 26.99 -4.20
C TRP B 58 -8.34 25.88 -4.64
N GLN B 59 -8.08 25.28 -5.80
CA GLN B 59 -8.95 24.21 -6.29
C GLN B 59 -8.99 23.06 -5.30
N THR B 60 -7.82 22.68 -4.81
CA THR B 60 -7.67 21.59 -3.86
C THR B 60 -8.42 21.82 -2.55
N LEU B 61 -8.32 23.03 -2.01
CA LEU B 61 -8.99 23.35 -0.75
C LEU B 61 -10.47 23.68 -0.87
N ARG B 62 -10.86 24.27 -1.99
CA ARG B 62 -12.24 24.67 -2.19
C ARG B 62 -13.19 23.50 -2.39
N HIS B 63 -12.76 22.51 -3.16
CA HIS B 63 -13.58 21.32 -3.43
C HIS B 63 -13.56 20.43 -2.19
N PRO B 64 -14.72 20.25 -1.54
CA PRO B 64 -14.78 19.41 -0.33
C PRO B 64 -14.13 18.04 -0.40
N LEU B 65 -14.28 17.31 -1.49
CA LEU B 65 -13.67 16.00 -1.55
C LEU B 65 -12.17 16.12 -1.81
N MET B 66 -11.78 17.07 -2.65
CA MET B 66 -10.35 17.25 -2.91
C MET B 66 -9.65 17.66 -1.61
N ARG B 67 -10.31 18.50 -0.82
CA ARG B 67 -9.75 18.96 0.45
C ARG B 67 -9.52 17.80 1.39
N ALA B 68 -10.47 16.89 1.46
CA ALA B 68 -10.33 15.72 2.32
C ALA B 68 -9.17 14.84 1.88
N GLU B 69 -9.11 14.56 0.57
CA GLU B 69 -8.06 13.72 0.02
C GLU B 69 -6.70 14.36 0.25
N TYR B 70 -6.65 15.68 0.19
CA TYR B 70 -5.40 16.40 0.40
C TYR B 70 -4.98 16.31 1.87
N LEU B 71 -5.94 16.53 2.77
CA LEU B 71 -5.68 16.45 4.19
C LEU B 71 -5.18 15.05 4.53
N LEU B 72 -5.81 14.04 3.93
CA LEU B 72 -5.40 12.67 4.18
C LEU B 72 -3.99 12.40 3.67
N SER B 73 -3.64 12.99 2.52
CA SER B 73 -2.29 12.80 1.96
C SER B 73 -1.23 13.36 2.89
N LEU B 74 -1.59 14.37 3.67
CA LEU B 74 -0.65 14.98 4.61
C LEU B 74 -0.42 14.04 5.79
N HIS B 75 -1.28 13.03 5.91
CA HIS B 75 -1.18 12.05 6.99
C HIS B 75 -0.70 10.70 6.49
N GLY B 76 -0.30 10.64 5.22
CA GLY B 76 0.21 9.39 4.67
C GLY B 76 -0.73 8.60 3.78
N PHE B 77 -1.97 9.06 3.60
CA PHE B 77 -2.92 8.35 2.77
C PHE B 77 -3.06 8.94 1.36
N ASP B 78 -2.87 8.09 0.35
CA ASP B 78 -2.98 8.50 -1.03
C ASP B 78 -4.21 7.88 -1.71
N LEU B 79 -5.33 8.57 -1.62
CA LEU B 79 -6.58 8.10 -2.21
C LEU B 79 -6.58 8.13 -3.73
N ALA B 80 -5.67 8.91 -4.32
CA ALA B 80 -5.57 8.99 -5.77
C ALA B 80 -5.07 7.65 -6.31
N SER B 81 -4.74 6.75 -5.40
CA SER B 81 -4.23 5.43 -5.75
C SER B 81 -5.29 4.35 -5.51
N GLU B 82 -5.30 3.33 -6.36
CA GLU B 82 -6.25 2.23 -6.22
C GLU B 82 -5.66 1.14 -5.34
N GLN B 83 -4.59 1.48 -4.64
CA GLN B 83 -3.90 0.56 -3.74
C GLN B 83 -4.83 0.04 -2.65
N HIS B 84 -5.79 0.86 -2.24
CA HIS B 84 -6.72 0.49 -1.19
C HIS B 84 -8.17 0.78 -1.59
N THR B 85 -8.66 0.07 -2.60
CA THR B 85 -10.03 0.26 -3.08
C THR B 85 -11.01 0.01 -1.94
N VAL B 86 -12.29 0.28 -2.18
CA VAL B 86 -13.32 0.09 -1.17
C VAL B 86 -13.61 -1.39 -0.86
N ARG B 87 -13.20 -1.84 0.31
CA ARG B 87 -13.43 -3.22 0.72
C ARG B 87 -14.61 -3.31 1.69
N ASP B 88 -15.79 -3.16 1.12
CA ASP B 88 -17.05 -3.22 1.85
C ASP B 88 -18.03 -3.69 0.78
N THR B 89 -18.27 -4.99 0.74
CA THR B 89 -19.16 -5.56 -0.25
C THR B 89 -20.60 -5.10 -0.12
N ALA B 90 -21.00 -4.71 1.10
CA ALA B 90 -22.36 -4.23 1.32
C ALA B 90 -22.52 -2.89 0.58
N PHE B 91 -21.51 -2.04 0.72
CA PHE B 91 -21.54 -0.73 0.07
C PHE B 91 -21.52 -0.92 -1.46
N LEU B 92 -20.65 -1.78 -1.95
CA LEU B 92 -20.55 -2.02 -3.38
C LEU B 92 -21.88 -2.53 -3.94
N MET B 93 -22.56 -3.41 -3.20
CA MET B 93 -23.86 -3.90 -3.66
C MET B 93 -24.87 -2.76 -3.65
N GLU B 94 -24.81 -1.94 -2.61
CA GLU B 94 -25.72 -0.80 -2.49
C GLU B 94 -25.58 0.10 -3.72
N GLN B 95 -24.33 0.34 -4.11
CA GLN B 95 -24.07 1.20 -5.27
C GLN B 95 -24.59 0.59 -6.56
N LEU B 96 -24.50 -0.74 -6.69
CA LEU B 96 -24.99 -1.40 -7.88
C LEU B 96 -26.51 -1.40 -7.87
N GLU B 97 -27.11 -1.65 -6.70
CA GLU B 97 -28.56 -1.65 -6.61
C GLU B 97 -29.16 -0.29 -6.94
N LEU B 98 -28.50 0.77 -6.48
CA LEU B 98 -29.01 2.12 -6.76
C LEU B 98 -28.86 2.44 -8.24
N ARG B 99 -27.77 1.97 -8.86
CA ARG B 99 -27.58 2.21 -10.28
C ARG B 99 -28.62 1.42 -11.07
N GLU B 100 -29.00 0.23 -10.60
CA GLU B 100 -30.02 -0.54 -11.28
C GLU B 100 -31.34 0.24 -11.25
N GLU B 101 -31.65 0.82 -10.10
CA GLU B 101 -32.87 1.60 -9.94
C GLU B 101 -32.85 2.80 -10.88
N LEU B 102 -31.71 3.48 -10.99
CA LEU B 102 -31.64 4.62 -11.90
C LEU B 102 -31.88 4.18 -13.35
N ASP B 103 -31.34 3.02 -13.75
CA ASP B 103 -31.56 2.51 -15.10
C ASP B 103 -33.04 2.25 -15.34
N GLU B 104 -33.72 1.73 -14.32
CA GLU B 104 -35.14 1.43 -14.41
C GLU B 104 -35.95 2.72 -14.53
N ILE B 105 -35.57 3.72 -13.74
CA ILE B 105 -36.23 5.01 -13.79
C ILE B 105 -36.05 5.62 -15.18
N GLU B 106 -34.86 5.48 -15.75
CA GLU B 106 -34.60 6.02 -17.08
C GLU B 106 -35.43 5.29 -18.13
N GLN B 107 -35.45 3.97 -18.08
CA GLN B 107 -36.20 3.19 -19.04
C GLN B 107 -37.68 3.58 -19.06
N ALA B 108 -38.22 3.89 -17.88
CA ALA B 108 -39.61 4.27 -17.78
C ALA B 108 -39.82 5.77 -17.92
N LYS B 109 -38.73 6.54 -17.98
CA LYS B 109 -38.80 8.00 -18.06
C LYS B 109 -39.80 8.50 -17.03
N ASP B 110 -39.67 7.95 -15.82
CA ASP B 110 -40.53 8.26 -14.69
C ASP B 110 -40.00 9.45 -13.92
N GLU B 111 -40.51 10.65 -14.22
CA GLU B 111 -40.08 11.88 -13.57
C GLU B 111 -40.31 11.93 -12.05
N ALA B 112 -41.48 11.49 -11.59
CA ALA B 112 -41.76 11.51 -10.16
C ALA B 112 -40.77 10.64 -9.40
N ARG B 113 -40.45 9.48 -9.97
CA ARG B 113 -39.51 8.58 -9.33
C ARG B 113 -38.10 9.16 -9.37
N LEU B 114 -37.75 9.81 -10.47
CA LEU B 114 -36.42 10.39 -10.58
C LEU B 114 -36.25 11.50 -9.54
N GLU B 115 -37.29 12.30 -9.35
CA GLU B 115 -37.24 13.38 -8.37
C GLU B 115 -36.94 12.83 -6.97
N SER B 116 -37.65 11.77 -6.59
CA SER B 116 -37.45 11.16 -5.29
C SER B 116 -36.05 10.55 -5.18
N PHE B 117 -35.60 9.92 -6.27
CA PHE B 117 -34.29 9.28 -6.29
C PHE B 117 -33.20 10.31 -6.06
N ILE B 118 -33.27 11.43 -6.78
CA ILE B 118 -32.25 12.46 -6.59
C ILE B 118 -32.25 12.99 -5.16
N LYS B 119 -33.44 13.26 -4.62
CA LYS B 119 -33.55 13.77 -3.25
C LYS B 119 -32.96 12.75 -2.26
N ARG B 120 -33.26 11.48 -2.48
CA ARG B 120 -32.76 10.43 -1.60
C ARG B 120 -31.24 10.27 -1.68
N VAL B 121 -30.68 10.34 -2.89
CA VAL B 121 -29.24 10.20 -3.08
C VAL B 121 -28.51 11.42 -2.49
N LYS B 122 -29.05 12.61 -2.67
CA LYS B 122 -28.41 13.81 -2.13
C LYS B 122 -28.40 13.76 -0.61
N LYS B 123 -29.51 13.35 -0.02
CA LYS B 123 -29.60 13.26 1.44
C LYS B 123 -28.57 12.26 1.96
N MET B 124 -28.44 11.12 1.29
CA MET B 124 -27.49 10.12 1.73
C MET B 124 -26.05 10.62 1.56
N PHE B 125 -25.79 11.40 0.51
CA PHE B 125 -24.46 11.94 0.29
C PHE B 125 -24.10 12.85 1.47
N ASP B 126 -25.04 13.71 1.86
CA ASP B 126 -24.84 14.63 2.96
C ASP B 126 -24.62 13.89 4.27
N THR B 127 -25.36 12.79 4.47
CA THR B 127 -25.19 12.02 5.68
C THR B 127 -23.84 11.32 5.74
N ARG B 128 -23.40 10.75 4.61
CA ARG B 128 -22.10 10.09 4.57
C ARG B 128 -20.98 11.11 4.67
N HIS B 129 -21.24 12.31 4.15
CA HIS B 129 -20.26 13.39 4.20
C HIS B 129 -20.05 13.78 5.66
N GLN B 130 -21.15 13.85 6.40
CA GLN B 130 -21.08 14.17 7.82
C GLN B 130 -20.25 13.10 8.55
N LEU B 131 -20.42 11.84 8.14
CA LEU B 131 -19.65 10.76 8.76
C LEU B 131 -18.17 10.95 8.47
N MET B 132 -17.81 11.36 7.25
CA MET B 132 -16.41 11.57 6.92
C MET B 132 -15.83 12.68 7.78
N VAL B 133 -16.60 13.76 7.97
CA VAL B 133 -16.14 14.87 8.80
C VAL B 133 -15.89 14.38 10.22
N GLU B 134 -16.78 13.51 10.71
CA GLU B 134 -16.62 12.96 12.04
C GLU B 134 -15.35 12.10 12.13
N GLN B 135 -15.11 11.30 11.11
CA GLN B 135 -13.95 10.42 11.11
C GLN B 135 -12.65 11.21 11.02
N LEU B 136 -12.68 12.32 10.29
CA LEU B 136 -11.49 13.16 10.17
C LEU B 136 -11.24 13.81 11.52
N ASP B 137 -12.32 14.25 12.16
CA ASP B 137 -12.24 14.88 13.47
C ASP B 137 -11.69 13.87 14.47
N ASN B 138 -12.10 12.62 14.33
CA ASN B 138 -11.66 11.54 15.22
C ASN B 138 -10.23 11.10 14.93
N GLU B 139 -9.71 11.56 13.81
CA GLU B 139 -8.36 11.24 13.37
C GLU B 139 -8.17 9.77 13.06
N THR B 140 -9.25 9.11 12.65
CA THR B 140 -9.20 7.73 12.24
C THR B 140 -9.08 7.86 10.72
N TRP B 141 -7.85 8.12 10.28
CA TRP B 141 -7.58 8.35 8.86
C TRP B 141 -7.96 7.24 7.91
N ASP B 142 -7.68 5.99 8.27
CA ASP B 142 -8.02 4.90 7.38
C ASP B 142 -9.52 4.88 7.12
N ALA B 143 -10.30 5.06 8.17
CA ALA B 143 -11.75 5.06 8.06
C ALA B 143 -12.20 6.26 7.23
N ALA B 144 -11.67 7.44 7.53
CA ALA B 144 -12.06 8.62 6.78
C ALA B 144 -11.78 8.48 5.30
N ALA B 145 -10.67 7.82 4.97
CA ALA B 145 -10.28 7.64 3.58
C ALA B 145 -11.23 6.71 2.85
N ASP B 146 -11.70 5.66 3.52
CA ASP B 146 -12.63 4.75 2.87
C ASP B 146 -13.94 5.48 2.61
N THR B 147 -14.37 6.30 3.56
CA THR B 147 -15.61 7.05 3.42
C THR B 147 -15.47 8.04 2.27
N CYS B 148 -14.30 8.65 2.14
CA CYS B 148 -14.09 9.59 1.05
C CYS B 148 -14.23 8.87 -0.29
N ARG B 149 -13.72 7.64 -0.36
CA ARG B 149 -13.82 6.86 -1.60
C ARG B 149 -15.30 6.56 -1.85
N LYS B 150 -16.02 6.23 -0.78
CA LYS B 150 -17.45 5.95 -0.92
C LYS B 150 -18.18 7.20 -1.43
N LEU B 151 -17.78 8.37 -0.95
CA LEU B 151 -18.43 9.59 -1.39
C LEU B 151 -18.21 9.86 -2.87
N ARG B 152 -17.06 9.45 -3.40
CA ARG B 152 -16.78 9.64 -4.82
C ARG B 152 -17.75 8.78 -5.61
N PHE B 153 -18.00 7.56 -5.14
CA PHE B 153 -18.94 6.70 -5.85
C PHE B 153 -20.34 7.30 -5.82
N LEU B 154 -20.76 7.81 -4.66
CA LEU B 154 -22.09 8.40 -4.54
C LEU B 154 -22.22 9.69 -5.35
N ASP B 155 -21.17 10.50 -5.36
CA ASP B 155 -21.23 11.74 -6.11
C ASP B 155 -21.40 11.47 -7.61
N LYS B 156 -20.75 10.42 -8.11
CA LYS B 156 -20.87 10.07 -9.52
C LYS B 156 -22.30 9.64 -9.81
N LEU B 157 -22.90 8.92 -8.88
CA LEU B 157 -24.28 8.46 -9.04
C LEU B 157 -25.20 9.69 -9.07
N ARG B 158 -24.98 10.60 -8.13
CA ARG B 158 -25.79 11.82 -8.06
C ARG B 158 -25.69 12.61 -9.35
N SER B 159 -24.48 12.75 -9.88
CA SER B 159 -24.29 13.47 -11.13
C SER B 159 -25.02 12.80 -12.28
N SER B 160 -24.95 11.47 -12.32
CA SER B 160 -25.61 10.70 -13.37
C SER B 160 -27.12 10.92 -13.33
N ALA B 161 -27.69 10.94 -12.13
CA ALA B 161 -29.13 11.13 -11.97
C ALA B 161 -29.56 12.55 -12.37
N GLU B 162 -28.74 13.53 -12.01
CA GLU B 162 -29.07 14.90 -12.37
C GLU B 162 -28.93 15.14 -13.87
N GLN B 163 -28.04 14.39 -14.53
CA GLN B 163 -27.89 14.53 -15.98
C GLN B 163 -29.12 13.93 -16.64
N LEU B 164 -29.61 12.82 -16.09
CA LEU B 164 -30.80 12.18 -16.62
C LEU B 164 -31.96 13.16 -16.52
N GLU B 165 -32.00 13.89 -15.42
CA GLU B 165 -33.04 14.87 -15.16
C GLU B 165 -33.02 15.92 -16.26
N GLU B 166 -31.82 16.34 -16.65
CA GLU B 166 -31.68 17.34 -17.69
C GLU B 166 -32.11 16.76 -19.03
N LYS B 167 -31.73 15.51 -19.27
CA LYS B 167 -32.07 14.84 -20.52
C LYS B 167 -33.59 14.63 -20.69
N LEU B 168 -34.30 14.51 -19.57
CA LEU B 168 -35.73 14.32 -19.63
C LEU B 168 -36.48 15.64 -19.56
N LEU B 169 -35.73 16.74 -19.47
CA LEU B 169 -36.33 18.07 -19.39
C LEU B 169 -37.22 18.23 -18.16
N ASP B 170 -36.91 17.48 -17.10
CA ASP B 170 -37.71 17.55 -15.88
C ASP B 170 -37.23 18.70 -15.00
N PHE B 171 -37.58 19.92 -15.40
CA PHE B 171 -37.17 21.12 -14.67
C PHE B 171 -38.30 21.69 -13.83
N MET C 1 23.39 3.21 -18.55
CA MET C 1 22.11 3.46 -19.29
C MET C 1 21.13 2.33 -19.03
N ASP C 2 19.84 2.61 -19.20
CA ASP C 2 18.81 1.59 -18.99
C ASP C 2 18.92 0.55 -20.09
N TYR C 3 18.46 -0.66 -19.80
CA TYR C 3 18.53 -1.78 -20.74
C TYR C 3 17.90 -1.53 -22.10
N PHE C 4 16.80 -0.79 -22.14
CA PHE C 4 16.13 -0.48 -23.40
C PHE C 4 17.06 0.34 -24.29
N THR C 5 17.59 1.43 -23.74
CA THR C 5 18.51 2.31 -24.45
C THR C 5 19.72 1.53 -24.94
N LEU C 6 20.22 0.64 -24.08
CA LEU C 6 21.39 -0.18 -24.41
C LEU C 6 21.18 -0.97 -25.70
N PHE C 7 19.92 -1.29 -26.00
CA PHE C 7 19.60 -2.04 -27.21
C PHE C 7 18.95 -1.14 -28.25
N GLY C 8 19.27 0.16 -28.17
CA GLY C 8 18.72 1.12 -29.11
C GLY C 8 17.21 1.12 -29.17
N LEU C 9 16.55 0.90 -28.03
CA LEU C 9 15.10 0.85 -27.98
C LEU C 9 14.49 1.83 -26.99
N PRO C 10 13.24 2.24 -27.24
CA PRO C 10 12.56 3.18 -26.34
C PRO C 10 12.14 2.36 -25.12
N ALA C 11 11.78 3.03 -24.03
CA ALA C 11 11.37 2.34 -22.82
C ALA C 11 9.89 1.96 -22.90
N ARG C 12 9.59 0.98 -23.75
CA ARG C 12 8.22 0.51 -23.92
C ARG C 12 8.19 -1.01 -23.78
N TYR C 13 7.05 -1.52 -23.32
CA TYR C 13 6.93 -2.96 -23.11
C TYR C 13 6.93 -3.81 -24.38
N GLN C 14 6.10 -3.46 -25.34
CA GLN C 14 6.02 -4.23 -26.59
C GLN C 14 7.22 -4.05 -27.51
N LEU C 15 8.00 -5.11 -27.68
CA LEU C 15 9.18 -5.07 -28.53
C LEU C 15 9.33 -6.37 -29.33
N ASP C 16 10.21 -6.35 -30.33
CA ASP C 16 10.45 -7.51 -31.18
C ASP C 16 11.60 -8.37 -30.65
N THR C 17 11.23 -9.47 -29.99
CA THR C 17 12.22 -10.38 -29.43
C THR C 17 13.17 -10.94 -30.49
N GLN C 18 12.70 -10.96 -31.74
CA GLN C 18 13.52 -11.46 -32.83
C GLN C 18 14.68 -10.51 -33.06
N ALA C 19 14.35 -9.23 -33.26
CA ALA C 19 15.38 -8.21 -33.48
C ALA C 19 16.21 -8.05 -32.21
N LEU C 20 15.58 -8.27 -31.06
CA LEU C 20 16.27 -8.15 -29.79
C LEU C 20 17.47 -9.08 -29.75
N SER C 21 17.28 -10.32 -30.18
CA SER C 21 18.34 -11.32 -30.20
C SER C 21 19.45 -10.92 -31.17
N LEU C 22 19.07 -10.41 -32.33
CA LEU C 22 20.05 -9.99 -33.32
C LEU C 22 20.94 -8.89 -32.78
N ARG C 23 20.35 -7.91 -32.09
CA ARG C 23 21.14 -6.83 -31.51
C ARG C 23 22.08 -7.41 -30.46
N PHE C 24 21.56 -8.35 -29.67
CA PHE C 24 22.34 -8.99 -28.63
C PHE C 24 23.46 -9.80 -29.26
N GLN C 25 23.20 -10.38 -30.42
CA GLN C 25 24.20 -11.18 -31.13
C GLN C 25 25.32 -10.25 -31.60
N ASP C 26 24.94 -9.11 -32.16
CA ASP C 26 25.91 -8.14 -32.65
C ASP C 26 26.69 -7.56 -31.48
N LEU C 27 25.98 -7.08 -30.47
CA LEU C 27 26.61 -6.50 -29.28
C LEU C 27 27.57 -7.49 -28.64
N GLN C 28 27.18 -8.76 -28.63
CA GLN C 28 28.00 -9.81 -28.05
C GLN C 28 29.33 -9.91 -28.80
N ARG C 29 29.24 -10.16 -30.11
CA ARG C 29 30.43 -10.28 -30.95
C ARG C 29 31.37 -9.10 -30.71
N GLN C 30 30.87 -7.89 -30.93
CA GLN C 30 31.67 -6.69 -30.73
C GLN C 30 31.59 -6.20 -29.29
N LEU C 45 38.74 -5.38 -18.54
CA LEU C 45 38.38 -4.37 -17.54
C LEU C 45 37.04 -3.75 -17.89
N ALA C 46 37.08 -2.61 -18.56
CA ALA C 46 35.85 -1.91 -18.95
C ALA C 46 35.06 -2.76 -19.94
N ALA C 47 35.78 -3.53 -20.75
CA ALA C 47 35.15 -4.39 -21.74
C ALA C 47 34.57 -5.64 -21.05
N VAL C 48 35.20 -6.03 -19.95
CA VAL C 48 34.75 -7.19 -19.19
C VAL C 48 33.39 -6.92 -18.58
N GLN C 49 33.33 -5.94 -17.68
CA GLN C 49 32.10 -5.58 -17.00
C GLN C 49 30.97 -5.27 -17.97
N GLN C 50 31.32 -4.68 -19.11
CA GLN C 50 30.34 -4.32 -20.13
C GLN C 50 29.73 -5.54 -20.82
N SER C 51 30.48 -6.65 -20.87
CA SER C 51 29.99 -7.87 -21.50
C SER C 51 28.91 -8.56 -20.66
N ALA C 52 29.16 -8.67 -19.37
CA ALA C 52 28.22 -9.30 -18.46
C ALA C 52 26.94 -8.47 -18.37
N THR C 53 27.09 -7.15 -18.47
CA THR C 53 25.96 -6.24 -18.40
C THR C 53 25.03 -6.44 -19.59
N ILE C 54 25.60 -6.76 -20.74
CA ILE C 54 24.80 -6.98 -21.94
C ILE C 54 23.92 -8.20 -21.75
N ASN C 55 24.44 -9.20 -21.04
CA ASN C 55 23.69 -10.43 -20.76
C ASN C 55 22.50 -10.14 -19.86
N GLN C 56 22.77 -9.55 -18.71
CA GLN C 56 21.72 -9.22 -17.75
C GLN C 56 20.60 -8.46 -18.47
N ALA C 57 21.00 -7.53 -19.32
CA ALA C 57 20.03 -6.73 -20.07
C ALA C 57 19.19 -7.62 -20.98
N TRP C 58 19.84 -8.55 -21.67
CA TRP C 58 19.13 -9.45 -22.57
C TRP C 58 18.16 -10.34 -21.81
N GLN C 59 18.64 -10.96 -20.72
CA GLN C 59 17.80 -11.83 -19.92
C GLN C 59 16.60 -11.09 -19.38
N THR C 60 16.81 -9.87 -18.89
CA THR C 60 15.75 -9.06 -18.34
C THR C 60 14.74 -8.64 -19.40
N LEU C 61 15.24 -8.31 -20.59
CA LEU C 61 14.37 -7.89 -21.68
C LEU C 61 13.71 -9.06 -22.40
N ARG C 62 14.43 -10.17 -22.54
CA ARG C 62 13.89 -11.35 -23.21
C ARG C 62 12.69 -11.95 -22.48
N HIS C 63 12.74 -11.94 -21.16
CA HIS C 63 11.65 -12.52 -20.37
C HIS C 63 10.51 -11.53 -20.13
N PRO C 64 9.31 -11.86 -20.64
CA PRO C 64 8.08 -11.05 -20.54
C PRO C 64 7.79 -10.45 -19.17
N LEU C 65 7.92 -11.25 -18.12
CA LEU C 65 7.64 -10.75 -16.77
C LEU C 65 8.78 -9.93 -16.19
N MET C 66 10.02 -10.34 -16.47
CA MET C 66 11.17 -9.61 -15.97
C MET C 66 11.21 -8.22 -16.62
N ARG C 67 10.84 -8.18 -17.90
CA ARG C 67 10.82 -6.93 -18.66
C ARG C 67 9.83 -5.97 -18.01
N ALA C 68 8.63 -6.48 -17.72
CA ALA C 68 7.58 -5.69 -17.10
C ALA C 68 8.04 -5.16 -15.74
N GLU C 69 8.69 -6.04 -14.98
CA GLU C 69 9.18 -5.68 -13.65
C GLU C 69 10.27 -4.62 -13.77
N TYR C 70 11.12 -4.76 -14.80
CA TYR C 70 12.20 -3.82 -15.03
C TYR C 70 11.65 -2.45 -15.40
N LEU C 71 10.75 -2.40 -16.36
CA LEU C 71 10.16 -1.14 -16.79
C LEU C 71 9.55 -0.39 -15.61
N LEU C 72 8.85 -1.13 -14.75
CA LEU C 72 8.23 -0.53 -13.57
C LEU C 72 9.24 0.11 -12.65
N SER C 73 10.36 -0.58 -12.41
CA SER C 73 11.40 -0.06 -11.53
C SER C 73 12.00 1.24 -12.04
N LEU C 74 12.08 1.38 -13.36
CA LEU C 74 12.62 2.59 -13.96
C LEU C 74 11.73 3.79 -13.66
N HIS C 75 10.45 3.51 -13.42
CA HIS C 75 9.50 4.57 -13.10
C HIS C 75 9.31 4.71 -11.60
N GLY C 76 10.20 4.05 -10.84
CA GLY C 76 10.15 4.12 -9.40
C GLY C 76 9.21 3.17 -8.68
N PHE C 77 8.62 2.22 -9.42
CA PHE C 77 7.72 1.26 -8.80
C PHE C 77 8.37 -0.10 -8.58
N ASP C 78 8.54 -0.46 -7.31
CA ASP C 78 9.13 -1.74 -6.94
C ASP C 78 8.05 -2.80 -6.76
N LEU C 79 8.21 -3.93 -7.41
CA LEU C 79 7.25 -5.02 -7.32
C LEU C 79 7.28 -5.66 -5.93
N ALA C 80 8.48 -5.75 -5.35
CA ALA C 80 8.65 -6.36 -4.03
C ALA C 80 7.97 -5.59 -2.90
N SER C 81 7.55 -4.36 -3.16
CA SER C 81 6.91 -3.56 -2.13
C SER C 81 5.50 -4.09 -1.82
N GLU C 82 5.13 -4.03 -0.54
CA GLU C 82 3.82 -4.51 -0.10
C GLU C 82 2.67 -3.71 -0.70
N GLN C 83 2.96 -2.50 -1.16
CA GLN C 83 1.93 -1.65 -1.77
C GLN C 83 1.31 -2.36 -2.97
N HIS C 84 2.01 -3.35 -3.50
CA HIS C 84 1.53 -4.08 -4.66
C HIS C 84 1.18 -5.53 -4.33
N THR C 85 1.04 -5.83 -3.06
CA THR C 85 0.69 -7.19 -2.62
C THR C 85 -0.69 -7.55 -3.18
N VAL C 86 -0.90 -8.84 -3.45
CA VAL C 86 -2.18 -9.28 -3.98
C VAL C 86 -3.25 -9.26 -2.89
N ARG C 87 -4.30 -8.48 -3.12
CA ARG C 87 -5.39 -8.35 -2.17
C ARG C 87 -6.69 -8.88 -2.80
N ASP C 88 -6.57 -9.45 -3.99
CA ASP C 88 -7.70 -10.00 -4.73
C ASP C 88 -8.03 -11.39 -4.18
N THR C 89 -8.95 -11.44 -3.22
CA THR C 89 -9.34 -12.70 -2.59
C THR C 89 -9.79 -13.77 -3.59
N ALA C 90 -10.62 -13.37 -4.54
CA ALA C 90 -11.13 -14.29 -5.56
C ALA C 90 -10.02 -14.91 -6.39
N PHE C 91 -9.03 -14.08 -6.76
CA PHE C 91 -7.90 -14.55 -7.55
C PHE C 91 -7.09 -15.61 -6.79
N LEU C 92 -6.68 -15.27 -5.58
CA LEU C 92 -5.90 -16.17 -4.75
C LEU C 92 -6.65 -17.46 -4.46
N MET C 93 -7.93 -17.33 -4.14
CA MET C 93 -8.77 -18.48 -3.83
C MET C 93 -8.83 -19.41 -5.04
N GLU C 94 -8.92 -18.82 -6.23
CA GLU C 94 -8.99 -19.61 -7.46
C GLU C 94 -7.68 -20.32 -7.76
N GLN C 95 -6.56 -19.69 -7.42
CA GLN C 95 -5.25 -20.32 -7.65
C GLN C 95 -5.15 -21.58 -6.77
N LEU C 96 -5.65 -21.49 -5.55
CA LEU C 96 -5.63 -22.63 -4.64
C LEU C 96 -6.51 -23.77 -5.15
N GLU C 97 -7.70 -23.41 -5.64
CA GLU C 97 -8.62 -24.39 -6.17
C GLU C 97 -8.03 -25.07 -7.41
N LEU C 98 -7.36 -24.30 -8.24
CA LEU C 98 -6.73 -24.86 -9.43
C LEU C 98 -5.63 -25.84 -9.05
N ARG C 99 -4.87 -25.52 -8.02
CA ARG C 99 -3.79 -26.39 -7.58
C ARG C 99 -4.36 -27.71 -7.01
N GLU C 100 -5.54 -27.65 -6.43
CA GLU C 100 -6.16 -28.86 -5.90
C GLU C 100 -6.58 -29.71 -7.10
N GLU C 101 -7.11 -29.06 -8.13
CA GLU C 101 -7.52 -29.76 -9.33
C GLU C 101 -6.31 -30.42 -9.98
N LEU C 102 -5.17 -29.73 -9.96
CA LEU C 102 -3.95 -30.26 -10.56
C LEU C 102 -3.53 -31.54 -9.85
N ASP C 103 -3.67 -31.58 -8.53
CA ASP C 103 -3.30 -32.78 -7.78
C ASP C 103 -4.19 -33.96 -8.15
N GLU C 104 -5.48 -33.71 -8.34
CA GLU C 104 -6.40 -34.76 -8.72
C GLU C 104 -6.02 -35.29 -10.10
N ILE C 105 -5.69 -34.37 -11.01
CA ILE C 105 -5.30 -34.76 -12.35
C ILE C 105 -4.03 -35.60 -12.31
N GLU C 106 -3.10 -35.22 -11.42
CA GLU C 106 -1.84 -35.93 -11.31
C GLU C 106 -2.07 -37.37 -10.84
N GLN C 107 -2.95 -37.55 -9.87
CA GLN C 107 -3.24 -38.88 -9.35
C GLN C 107 -3.77 -39.78 -10.47
N ALA C 108 -4.69 -39.25 -11.25
CA ALA C 108 -5.30 -39.99 -12.34
C ALA C 108 -4.37 -40.16 -13.55
N LYS C 109 -3.24 -39.47 -13.54
CA LYS C 109 -2.29 -39.55 -14.64
C LYS C 109 -2.99 -39.31 -15.98
N ASP C 110 -4.06 -38.53 -15.95
CA ASP C 110 -4.85 -38.23 -17.16
C ASP C 110 -4.17 -37.18 -18.03
N GLU C 111 -3.55 -37.64 -19.13
CA GLU C 111 -2.85 -36.73 -20.03
C GLU C 111 -3.82 -35.75 -20.69
N ALA C 112 -5.00 -36.23 -21.05
CA ALA C 112 -6.00 -35.39 -21.68
C ALA C 112 -6.44 -34.26 -20.74
N ARG C 113 -6.74 -34.59 -19.50
CA ARG C 113 -7.16 -33.60 -18.52
C ARG C 113 -6.03 -32.62 -18.20
N LEU C 114 -4.80 -33.12 -18.17
CA LEU C 114 -3.65 -32.28 -17.87
C LEU C 114 -3.50 -31.25 -18.99
N GLU C 115 -3.54 -31.73 -20.23
CA GLU C 115 -3.41 -30.86 -21.39
C GLU C 115 -4.45 -29.76 -21.38
N SER C 116 -5.67 -30.11 -20.96
CA SER C 116 -6.76 -29.14 -20.91
C SER C 116 -6.57 -28.16 -19.76
N PHE C 117 -6.00 -28.63 -18.67
CA PHE C 117 -5.76 -27.79 -17.50
C PHE C 117 -4.72 -26.74 -17.89
N ILE C 118 -3.69 -27.17 -18.60
CA ILE C 118 -2.63 -26.27 -19.04
C ILE C 118 -3.15 -25.18 -19.97
N LYS C 119 -4.00 -25.56 -20.92
CA LYS C 119 -4.59 -24.59 -21.85
C LYS C 119 -5.35 -23.51 -21.09
N ARG C 120 -6.11 -23.96 -20.08
CA ARG C 120 -6.91 -23.06 -19.26
C ARG C 120 -6.05 -22.04 -18.52
N VAL C 121 -4.95 -22.51 -17.94
CA VAL C 121 -4.04 -21.64 -17.20
C VAL C 121 -3.36 -20.66 -18.14
N LYS C 122 -2.94 -21.13 -19.31
CA LYS C 122 -2.27 -20.27 -20.29
C LYS C 122 -3.25 -19.20 -20.76
N LYS C 123 -4.52 -19.58 -20.85
CA LYS C 123 -5.56 -18.64 -21.29
C LYS C 123 -5.72 -17.55 -20.23
N MET C 124 -5.72 -17.95 -18.97
CA MET C 124 -5.84 -16.99 -17.87
C MET C 124 -4.64 -16.06 -17.89
N PHE C 125 -3.47 -16.62 -18.16
CA PHE C 125 -2.23 -15.86 -18.22
C PHE C 125 -2.27 -14.83 -19.34
N ASP C 126 -2.64 -15.27 -20.53
CA ASP C 126 -2.70 -14.39 -21.68
C ASP C 126 -3.70 -13.25 -21.47
N THR C 127 -4.84 -13.58 -20.90
CA THR C 127 -5.88 -12.58 -20.64
C THR C 127 -5.34 -11.49 -19.72
N ARG C 128 -4.69 -11.90 -18.63
CA ARG C 128 -4.14 -10.92 -17.69
C ARG C 128 -2.90 -10.22 -18.24
N HIS C 129 -2.18 -10.90 -19.12
CA HIS C 129 -0.98 -10.31 -19.71
C HIS C 129 -1.36 -9.13 -20.60
N GLN C 130 -2.42 -9.30 -21.39
CA GLN C 130 -2.87 -8.24 -22.28
C GLN C 130 -3.32 -7.04 -21.46
N LEU C 131 -3.93 -7.30 -20.30
CA LEU C 131 -4.37 -6.22 -19.44
C LEU C 131 -3.16 -5.47 -18.89
N MET C 132 -2.11 -6.20 -18.52
CA MET C 132 -0.91 -5.57 -18.01
C MET C 132 -0.25 -4.71 -19.08
N VAL C 133 -0.30 -5.18 -20.33
CA VAL C 133 0.27 -4.46 -21.45
C VAL C 133 -0.47 -3.13 -21.60
N GLU C 134 -1.80 -3.19 -21.52
CA GLU C 134 -2.63 -2.00 -21.63
C GLU C 134 -2.33 -1.05 -20.48
N GLN C 135 -2.04 -1.60 -19.31
CA GLN C 135 -1.76 -0.78 -18.14
C GLN C 135 -0.38 -0.13 -18.21
N LEU C 136 0.58 -0.82 -18.81
CA LEU C 136 1.93 -0.30 -18.93
C LEU C 136 1.98 0.82 -19.98
N ASP C 137 1.31 0.61 -21.11
CA ASP C 137 1.27 1.59 -22.18
C ASP C 137 0.52 2.85 -21.73
N ASN C 138 -0.43 2.68 -20.82
CA ASN C 138 -1.22 3.79 -20.31
C ASN C 138 -0.51 4.47 -19.14
N GLU C 139 0.61 3.91 -18.75
CA GLU C 139 1.42 4.45 -17.66
C GLU C 139 0.75 4.40 -16.27
N THR C 140 -0.15 3.44 -16.09
CA THR C 140 -0.81 3.26 -14.80
C THR C 140 0.00 2.21 -14.04
N TRP C 141 1.23 2.60 -13.70
CA TRP C 141 2.21 1.75 -13.02
C TRP C 141 1.71 0.95 -11.81
N ASP C 142 1.00 1.61 -10.90
CA ASP C 142 0.48 0.94 -9.73
C ASP C 142 -0.34 -0.28 -10.12
N ALA C 143 -1.30 -0.07 -11.01
CA ALA C 143 -2.18 -1.14 -11.48
C ALA C 143 -1.40 -2.24 -12.20
N ALA C 144 -0.50 -1.84 -13.10
CA ALA C 144 0.31 -2.80 -13.86
C ALA C 144 1.14 -3.69 -12.95
N ALA C 145 1.71 -3.10 -11.90
CA ALA C 145 2.52 -3.86 -10.96
C ALA C 145 1.65 -4.88 -10.24
N ASP C 146 0.49 -4.43 -9.77
CA ASP C 146 -0.42 -5.32 -9.07
C ASP C 146 -0.83 -6.45 -10.01
N THR C 147 -0.92 -6.15 -11.30
CA THR C 147 -1.29 -7.15 -12.30
C THR C 147 -0.14 -8.10 -12.59
N CYS C 148 1.08 -7.57 -12.57
CA CYS C 148 2.26 -8.39 -12.82
C CYS C 148 2.43 -9.43 -11.71
N ARG C 149 2.11 -9.05 -10.48
CA ARG C 149 2.22 -9.96 -9.35
C ARG C 149 1.33 -11.17 -9.57
N LYS C 150 0.15 -10.95 -10.14
CA LYS C 150 -0.79 -12.04 -10.42
C LYS C 150 -0.22 -12.95 -11.51
N LEU C 151 0.39 -12.35 -12.53
CA LEU C 151 0.98 -13.11 -13.61
C LEU C 151 2.10 -14.02 -13.14
N ARG C 152 2.79 -13.63 -12.07
CA ARG C 152 3.85 -14.46 -11.52
C ARG C 152 3.27 -15.75 -10.93
N PHE C 153 2.14 -15.64 -10.25
CA PHE C 153 1.51 -16.82 -9.67
C PHE C 153 1.09 -17.77 -10.79
N LEU C 154 0.40 -17.23 -11.80
CA LEU C 154 -0.04 -18.01 -12.94
C LEU C 154 1.13 -18.69 -13.65
N ASP C 155 2.24 -17.97 -13.76
CA ASP C 155 3.43 -18.49 -14.42
C ASP C 155 3.97 -19.75 -13.75
N LYS C 156 4.09 -19.70 -12.43
CA LYS C 156 4.61 -20.84 -11.68
C LYS C 156 3.66 -22.03 -11.70
N LEU C 157 2.36 -21.75 -11.69
CA LEU C 157 1.37 -22.82 -11.73
C LEU C 157 1.45 -23.51 -13.09
N ARG C 158 1.58 -22.70 -14.13
CA ARG C 158 1.68 -23.23 -15.49
C ARG C 158 2.94 -24.09 -15.60
N SER C 159 4.04 -23.58 -15.04
CA SER C 159 5.30 -24.30 -15.07
C SER C 159 5.19 -25.66 -14.37
N SER C 160 4.53 -25.69 -13.22
CA SER C 160 4.34 -26.93 -12.48
C SER C 160 3.56 -27.94 -13.32
N ALA C 161 2.47 -27.49 -13.93
CA ALA C 161 1.66 -28.37 -14.78
C ALA C 161 2.42 -28.89 -15.99
N GLU C 162 3.25 -28.05 -16.60
CA GLU C 162 4.00 -28.48 -17.77
C GLU C 162 5.13 -29.45 -17.43
N GLN C 163 5.68 -29.32 -16.23
CA GLN C 163 6.75 -30.21 -15.80
C GLN C 163 6.14 -31.59 -15.58
N LEU C 164 4.94 -31.61 -15.02
CA LEU C 164 4.24 -32.86 -14.79
C LEU C 164 3.95 -33.51 -16.15
N GLU C 165 3.49 -32.71 -17.10
CA GLU C 165 3.17 -33.21 -18.43
C GLU C 165 4.39 -33.78 -19.13
N GLU C 166 5.53 -33.10 -18.97
CA GLU C 166 6.77 -33.56 -19.59
C GLU C 166 7.10 -34.98 -19.14
N LYS C 167 6.90 -35.24 -17.85
CA LYS C 167 7.18 -36.56 -17.30
C LYS C 167 6.24 -37.60 -17.89
N LEU C 168 4.94 -37.28 -17.89
CA LEU C 168 3.92 -38.18 -18.41
C LEU C 168 4.08 -38.49 -19.90
N LEU C 169 4.53 -37.51 -20.68
CA LEU C 169 4.69 -37.70 -22.12
C LEU C 169 5.99 -38.36 -22.57
N ASP C 170 6.89 -38.65 -21.64
CA ASP C 170 8.16 -39.30 -21.97
C ASP C 170 7.97 -40.63 -22.65
N PHE C 171 6.95 -41.36 -22.25
CA PHE C 171 6.69 -42.66 -22.83
C PHE C 171 5.24 -42.77 -23.30
#